data_8ZA5
#
_entry.id   8ZA5
#
_cell.length_a   97.875
_cell.length_b   97.875
_cell.length_c   56.855
_cell.angle_alpha   90.00
_cell.angle_beta   90.00
_cell.angle_gamma   120.00
#
_symmetry.space_group_name_H-M   'P 32 2 1'
#
loop_
_entity.id
_entity.type
_entity.pdbx_description
1 polymer 'MarR-family transcriptional regulator'
2 water water
#
_entity_poly.entity_id   1
_entity_poly.type   'polypeptide(L)'
_entity_poly.pdbx_seq_one_letter_code
;MGSSHHHHHHSSGLVPRGSHMILLKSNYDCFRIAMLLKELYSKTMYTVEENFKENGLTHQQIIVIKLVAHNQELTISQLC
DEMSLAKGTVSGIISRLEQIGYIEKFKKSNDKRNTYVKFTTTGFEFATNFKIKMQESFDDIFKNCDENELSDLVKNLRNI
LAKVKER
;
_entity_poly.pdbx_strand_id   A,B
#
# COMPACT_ATOMS: atom_id res chain seq x y z
N ASP A 29 -14.12 11.02 -3.29
CA ASP A 29 -14.73 10.28 -4.47
C ASP A 29 -13.92 9.00 -4.74
N CYS A 30 -13.04 9.02 -5.76
CA CYS A 30 -11.97 8.03 -5.96
C CYS A 30 -10.80 8.12 -4.96
N PHE A 31 -10.75 9.18 -4.17
CA PHE A 31 -9.87 9.27 -3.05
C PHE A 31 -10.27 8.27 -1.99
N ARG A 32 -11.56 8.15 -1.72
CA ARG A 32 -12.05 7.20 -0.70
C ARG A 32 -11.65 5.77 -1.05
N ILE A 33 -11.65 5.45 -2.34
CA ILE A 33 -11.30 4.14 -2.87
C ILE A 33 -9.83 3.83 -2.60
N ALA A 34 -8.95 4.73 -2.99
CA ALA A 34 -7.53 4.63 -2.62
C ALA A 34 -7.35 4.38 -1.12
N MET A 35 -8.05 5.10 -0.25
CA MET A 35 -7.88 4.90 1.16
C MET A 35 -8.35 3.53 1.67
N LEU A 36 -9.42 3.01 1.06
CA LEU A 36 -10.00 1.75 1.50
C LEU A 36 -9.13 0.61 1.05
N LEU A 37 -8.68 0.66 -0.22
CA LEU A 37 -7.65 -0.25 -0.72
C LEU A 37 -6.43 -0.32 0.22
N LYS A 38 -5.95 0.85 0.64
CA LYS A 38 -4.81 0.92 1.54
C LYS A 38 -5.16 0.24 2.85
N GLU A 39 -6.32 0.58 3.38
CA GLU A 39 -6.68 0.06 4.68
C GLU A 39 -6.77 -1.48 4.65
N LEU A 40 -7.46 -2.00 3.64
CA LEU A 40 -7.66 -3.46 3.61
C LEU A 40 -6.30 -4.14 3.41
N TYR A 41 -5.49 -3.61 2.49
CA TYR A 41 -4.12 -4.16 2.25
C TYR A 41 -3.27 -4.18 3.51
N SER A 42 -3.26 -3.07 4.25
CA SER A 42 -2.38 -2.92 5.43
C SER A 42 -2.76 -3.86 6.54
N LYS A 43 -4.06 -4.05 6.70
CA LYS A 43 -4.56 -5.00 7.69
C LYS A 43 -4.00 -6.38 7.36
N THR A 44 -3.95 -6.75 6.07
CA THR A 44 -3.35 -8.01 5.64
C THR A 44 -1.87 -8.14 5.96
N MET A 45 -1.12 -7.14 5.53
CA MET A 45 0.30 -7.10 5.73
C MET A 45 0.71 -7.01 7.19
N TYR A 46 -0.11 -6.34 8.01
CA TYR A 46 0.11 -6.31 9.48
C TYR A 46 0.03 -7.74 10.16
N THR A 47 -0.94 -8.54 9.80
CA THR A 47 -0.99 -9.87 10.40
C THR A 47 0.18 -10.79 9.97
N VAL A 48 0.57 -10.63 8.70
CA VAL A 48 1.78 -11.24 8.20
C VAL A 48 3.01 -10.76 8.96
N GLU A 49 3.25 -9.45 9.13
CA GLU A 49 4.43 -8.99 9.91
C GLU A 49 4.43 -9.64 11.30
N GLU A 50 3.24 -9.70 11.91
CA GLU A 50 3.07 -10.22 13.24
C GLU A 50 3.42 -11.69 13.30
N ASN A 51 2.82 -12.48 12.43
CA ASN A 51 3.14 -13.90 12.37
C ASN A 51 4.58 -14.30 12.10
N PHE A 52 5.40 -13.43 11.50
CA PHE A 52 6.77 -13.82 11.16
C PHE A 52 7.85 -13.02 11.80
N LYS A 53 7.48 -12.09 12.65
CA LYS A 53 8.42 -11.29 13.47
C LYS A 53 9.37 -12.22 14.19
N GLU A 54 8.78 -13.26 14.77
CA GLU A 54 9.50 -14.38 15.38
C GLU A 54 10.60 -14.94 14.49
N ASN A 55 10.30 -15.10 13.20
CA ASN A 55 11.28 -15.63 12.23
C ASN A 55 12.27 -14.60 11.69
N GLY A 56 12.19 -13.34 12.10
CA GLY A 56 13.06 -12.32 11.56
C GLY A 56 12.85 -12.00 10.08
N LEU A 57 11.59 -11.98 9.63
CA LEU A 57 11.27 -11.67 8.25
C LEU A 57 10.15 -10.64 8.13
N THR A 58 10.32 -9.69 7.22
CA THR A 58 9.31 -8.62 7.00
C THR A 58 8.19 -9.13 6.15
N HIS A 59 7.08 -8.39 6.06
CA HIS A 59 5.99 -8.90 5.22
C HIS A 59 6.38 -8.87 3.75
N GLN A 60 7.26 -7.95 3.35
CA GLN A 60 7.70 -7.87 1.98
C GLN A 60 8.55 -9.07 1.57
N GLN A 61 9.32 -9.51 2.54
CA GLN A 61 10.18 -10.66 2.38
C GLN A 61 9.35 -11.94 2.30
N ILE A 62 8.33 -12.05 3.15
CA ILE A 62 7.35 -13.14 3.04
C ILE A 62 6.66 -13.15 1.67
N ILE A 63 6.34 -11.97 1.16
CA ILE A 63 5.79 -11.90 -0.17
C ILE A 63 6.72 -12.51 -1.28
N VAL A 64 7.98 -12.10 -1.27
CA VAL A 64 8.96 -12.57 -2.20
C VAL A 64 9.10 -14.08 -2.07
N ILE A 65 9.27 -14.58 -0.84
CA ILE A 65 9.42 -16.03 -0.58
C ILE A 65 8.24 -16.85 -1.19
N LYS A 66 7.04 -16.33 -1.02
CA LYS A 66 5.82 -16.90 -1.59
C LYS A 66 5.88 -16.91 -3.09
N LEU A 67 6.24 -15.78 -3.66
CA LEU A 67 6.35 -15.68 -5.10
C LEU A 67 7.50 -16.55 -5.68
N VAL A 68 8.65 -16.57 -5.04
CA VAL A 68 9.74 -17.48 -5.48
C VAL A 68 9.30 -18.94 -5.30
N ALA A 69 8.67 -19.30 -4.17
CA ALA A 69 8.20 -20.66 -3.99
C ALA A 69 7.24 -21.09 -5.11
N HIS A 70 6.29 -20.25 -5.46
CA HIS A 70 5.31 -20.54 -6.47
C HIS A 70 5.91 -20.60 -7.84
N ASN A 71 6.95 -19.79 -8.13
CA ASN A 71 7.48 -19.73 -9.50
C ASN A 71 8.81 -20.37 -9.75
N GLN A 72 9.49 -20.79 -8.69
CA GLN A 72 10.86 -21.30 -8.75
C GLN A 72 11.96 -20.25 -8.88
N GLU A 73 11.84 -19.47 -9.94
CA GLU A 73 12.71 -18.31 -10.18
C GLU A 73 11.88 -17.20 -10.85
N LEU A 74 12.36 -15.96 -10.72
CA LEU A 74 11.70 -14.77 -11.29
C LEU A 74 12.72 -13.76 -11.60
N THR A 75 12.45 -12.94 -12.60
CA THR A 75 13.34 -11.77 -12.83
C THR A 75 12.94 -10.67 -11.85
N ILE A 76 13.83 -9.71 -11.69
CA ILE A 76 13.58 -8.55 -10.85
C ILE A 76 12.35 -7.83 -11.45
N SER A 77 12.32 -7.78 -12.78
CA SER A 77 11.28 -7.16 -13.53
C SER A 77 9.93 -7.75 -13.29
N GLN A 78 9.86 -9.08 -13.22
CA GLN A 78 8.64 -9.81 -12.81
C GLN A 78 8.22 -9.62 -11.36
N LEU A 79 9.18 -9.59 -10.44
CA LEU A 79 8.91 -9.25 -9.07
C LEU A 79 8.29 -7.87 -8.96
N CYS A 80 8.83 -6.89 -9.72
CA CYS A 80 8.23 -5.55 -9.79
C CYS A 80 6.76 -5.60 -10.16
N ASP A 81 6.42 -6.41 -11.17
CA ASP A 81 5.01 -6.49 -11.61
C ASP A 81 4.17 -7.29 -10.68
N GLU A 82 4.70 -8.35 -10.09
CA GLU A 82 3.90 -9.09 -9.10
C GLU A 82 3.60 -8.26 -7.82
N MET A 83 4.57 -7.45 -7.41
CA MET A 83 4.46 -6.75 -6.10
C MET A 83 3.98 -5.30 -6.27
N SER A 84 3.93 -4.85 -7.51
CA SER A 84 3.61 -3.47 -7.86
C SER A 84 4.51 -2.51 -7.16
N LEU A 85 5.81 -2.74 -7.26
CA LEU A 85 6.81 -1.84 -6.73
C LEU A 85 7.74 -1.39 -7.83
N ALA A 86 8.40 -0.26 -7.58
CA ALA A 86 9.44 0.28 -8.44
C ALA A 86 10.69 -0.59 -8.37
N LYS A 87 11.48 -0.60 -9.43
CA LYS A 87 12.68 -1.43 -9.48
C LYS A 87 13.61 -1.11 -8.34
N GLY A 88 13.73 0.16 -7.98
CA GLY A 88 14.58 0.57 -6.85
C GLY A 88 14.20 -0.08 -5.53
N THR A 89 12.91 -0.10 -5.26
CA THR A 89 12.45 -0.73 -4.02
C THR A 89 12.76 -2.22 -4.07
N VAL A 90 12.53 -2.85 -5.23
CA VAL A 90 12.65 -4.30 -5.32
C VAL A 90 14.07 -4.70 -5.15
N SER A 91 14.99 -3.93 -5.75
CA SER A 91 16.39 -4.23 -5.66
C SER A 91 16.86 -4.17 -4.23
N GLY A 92 16.35 -3.25 -3.45
CA GLY A 92 16.67 -3.25 -2.03
C GLY A 92 16.12 -4.43 -1.23
N ILE A 93 14.83 -4.74 -1.44
CA ILE A 93 14.19 -5.92 -0.81
C ILE A 93 15.03 -7.19 -1.10
N ILE A 94 15.50 -7.35 -2.35
CA ILE A 94 16.22 -8.55 -2.74
C ILE A 94 17.59 -8.60 -2.10
N SER A 95 18.30 -7.46 -2.09
CA SER A 95 19.63 -7.43 -1.44
C SER A 95 19.59 -7.78 0.02
N ARG A 96 18.61 -7.25 0.74
CA ARG A 96 18.47 -7.59 2.15
C ARG A 96 18.04 -9.07 2.30
N LEU A 97 17.19 -9.59 1.41
CA LEU A 97 16.81 -11.02 1.51
C LEU A 97 18.03 -11.94 1.19
N GLU A 98 18.82 -11.56 0.19
CA GLU A 98 20.10 -12.24 -0.15
C GLU A 98 21.04 -12.17 1.02
N GLN A 99 21.12 -11.04 1.71
CA GLN A 99 22.02 -10.95 2.87
C GLN A 99 21.68 -11.91 4.04
N ILE A 100 20.40 -12.17 4.21
CA ILE A 100 19.90 -13.14 5.14
C ILE A 100 20.08 -14.56 4.62
N GLY A 101 20.39 -14.70 3.33
CA GLY A 101 20.80 -16.00 2.74
C GLY A 101 19.63 -16.86 2.29
N TYR A 102 18.47 -16.26 2.01
CA TYR A 102 17.30 -17.06 1.62
C TYR A 102 17.15 -17.14 0.13
N ILE A 103 17.73 -16.19 -0.58
CA ILE A 103 17.63 -16.16 -2.02
C ILE A 103 18.94 -15.77 -2.67
N GLU A 104 19.09 -16.11 -3.92
CA GLU A 104 20.28 -15.75 -4.64
C GLU A 104 19.99 -15.11 -5.95
N LYS A 105 20.86 -14.22 -6.35
CA LYS A 105 20.69 -13.56 -7.62
C LYS A 105 21.61 -14.14 -8.67
N PHE A 106 21.12 -14.23 -9.89
CA PHE A 106 21.90 -14.80 -10.95
C PHE A 106 21.48 -14.29 -12.33
N LYS A 107 22.31 -14.60 -13.31
CA LYS A 107 22.08 -14.22 -14.70
C LYS A 107 22.31 -15.43 -15.59
N LYS A 108 21.38 -15.65 -16.48
CA LYS A 108 21.51 -16.74 -17.41
C LYS A 108 22.36 -16.28 -18.56
N SER A 109 23.22 -17.15 -19.06
CA SER A 109 24.12 -16.78 -20.14
C SER A 109 23.39 -16.44 -21.40
N ASN A 110 22.24 -17.05 -21.60
CA ASN A 110 21.44 -16.73 -22.74
C ASN A 110 20.63 -15.43 -22.58
N ASP A 111 20.93 -14.61 -21.57
CA ASP A 111 20.18 -13.38 -21.31
C ASP A 111 20.99 -12.39 -20.50
N LYS A 112 21.72 -11.49 -21.14
CA LYS A 112 22.47 -10.45 -20.39
C LYS A 112 21.54 -9.36 -19.84
N ARG A 113 20.32 -9.30 -20.36
CA ARG A 113 19.35 -8.25 -19.99
C ARG A 113 18.83 -8.41 -18.52
N ASN A 114 18.33 -9.60 -18.17
CA ASN A 114 17.65 -9.79 -16.87
C ASN A 114 18.51 -10.33 -15.78
N THR A 115 18.23 -9.89 -14.55
CA THR A 115 18.68 -10.57 -13.37
C THR A 115 17.52 -11.43 -12.83
N TYR A 116 17.89 -12.61 -12.27
CA TYR A 116 16.96 -13.59 -11.75
C TYR A 116 17.20 -13.82 -10.26
N VAL A 117 16.16 -14.30 -9.60
CA VAL A 117 16.25 -14.68 -8.22
C VAL A 117 15.77 -16.11 -8.06
N LYS A 118 16.43 -16.92 -7.23
CA LYS A 118 15.85 -18.18 -6.79
C LYS A 118 16.25 -18.46 -5.37
N PHE A 119 15.69 -19.50 -4.77
CA PHE A 119 16.08 -19.89 -3.44
C PHE A 119 17.51 -20.43 -3.27
N THR A 120 18.05 -20.20 -2.07
CA THR A 120 19.11 -20.97 -1.55
C THR A 120 18.51 -22.19 -0.86
N THR A 121 19.38 -23.08 -0.41
CA THR A 121 18.97 -24.20 0.42
C THR A 121 18.26 -23.79 1.70
N THR A 122 18.76 -22.80 2.42
CA THR A 122 17.97 -22.22 3.49
C THR A 122 16.61 -21.73 3.06
N GLY A 123 16.51 -21.07 1.89
CA GLY A 123 15.21 -20.57 1.47
C GLY A 123 14.20 -21.64 1.15
N PHE A 124 14.67 -22.68 0.46
CA PHE A 124 13.86 -23.85 0.14
C PHE A 124 13.32 -24.45 1.43
N GLU A 125 14.19 -24.63 2.42
CA GLU A 125 13.82 -25.20 3.70
C GLU A 125 12.74 -24.34 4.35
N PHE A 126 12.95 -23.03 4.34
CA PHE A 126 11.93 -22.11 4.89
C PHE A 126 10.58 -22.30 4.20
N ALA A 127 10.60 -22.29 2.88
CA ALA A 127 9.34 -22.22 2.16
C ALA A 127 8.51 -23.51 2.27
N THR A 128 9.23 -24.61 2.44
CA THR A 128 8.66 -25.93 2.67
C THR A 128 8.05 -25.93 4.04
N ASN A 129 8.86 -25.62 5.05
CA ASN A 129 8.40 -25.69 6.41
C ASN A 129 7.27 -24.78 6.76
N PHE A 130 7.11 -23.66 6.05
CA PHE A 130 6.18 -22.63 6.47
C PHE A 130 5.16 -22.34 5.42
N LYS A 131 4.96 -23.30 4.53
CA LYS A 131 3.98 -23.14 3.49
C LYS A 131 2.60 -22.77 4.08
N ILE A 132 2.21 -23.46 5.15
CA ILE A 132 0.82 -23.40 5.63
C ILE A 132 0.68 -22.10 6.35
N LYS A 133 1.56 -21.89 7.31
CA LYS A 133 1.64 -20.70 8.09
C LYS A 133 1.68 -19.43 7.26
N MET A 134 2.39 -19.46 6.13
CA MET A 134 2.41 -18.35 5.19
C MET A 134 1.02 -18.21 4.59
N GLN A 135 0.47 -19.31 4.07
CA GLN A 135 -0.86 -19.32 3.46
C GLN A 135 -1.91 -18.81 4.47
N GLU A 136 -1.89 -19.38 5.66
CA GLU A 136 -2.72 -18.93 6.81
C GLU A 136 -2.59 -17.44 7.22
N SER A 137 -1.40 -16.89 7.03
CA SER A 137 -1.10 -15.55 7.43
C SER A 137 -1.84 -14.59 6.58
N PHE A 138 -1.88 -14.86 5.28
CA PHE A 138 -2.61 -14.03 4.33
C PHE A 138 -4.12 -14.24 4.45
N ASP A 139 -4.52 -15.44 4.88
CA ASP A 139 -5.95 -15.81 4.98
C ASP A 139 -6.69 -15.26 6.22
N ASP A 140 -5.96 -15.18 7.35
CA ASP A 140 -6.45 -14.82 8.70
C ASP A 140 -7.45 -13.70 8.70
N ILE A 141 -7.13 -12.68 7.92
CA ILE A 141 -7.92 -11.49 7.87
C ILE A 141 -9.33 -11.80 7.36
N PHE A 142 -9.46 -12.72 6.41
CA PHE A 142 -10.74 -12.98 5.73
C PHE A 142 -11.55 -14.20 6.27
N LYS A 143 -11.15 -14.78 7.40
CA LYS A 143 -11.94 -15.76 8.16
C LYS A 143 -13.46 -15.53 8.15
N ASN A 144 -13.86 -14.30 8.47
CA ASN A 144 -15.27 -13.97 8.70
C ASN A 144 -16.02 -13.73 7.41
N CYS A 145 -15.31 -13.54 6.31
CA CYS A 145 -15.98 -13.29 5.04
C CYS A 145 -16.46 -14.61 4.46
N ASP A 146 -17.49 -14.53 3.63
CA ASP A 146 -17.88 -15.63 2.78
C ASP A 146 -17.30 -15.37 1.40
N GLU A 147 -16.91 -16.44 0.74
CA GLU A 147 -16.59 -16.42 -0.68
C GLU A 147 -17.59 -15.63 -1.53
N ASN A 148 -18.85 -15.51 -1.10
CA ASN A 148 -19.78 -14.52 -1.68
C ASN A 148 -19.14 -13.15 -1.89
N GLU A 149 -18.79 -12.53 -0.77
CA GLU A 149 -18.19 -11.18 -0.72
C GLU A 149 -16.85 -11.09 -1.45
N LEU A 150 -16.01 -12.07 -1.18
CA LEU A 150 -14.68 -12.11 -1.73
C LEU A 150 -14.65 -12.23 -3.22
N SER A 151 -15.55 -13.08 -3.74
CA SER A 151 -15.71 -13.24 -5.20
C SER A 151 -16.18 -11.95 -5.83
N ASP A 152 -17.19 -11.35 -5.17
CA ASP A 152 -17.70 -10.02 -5.49
C ASP A 152 -16.50 -9.04 -5.58
N LEU A 153 -15.75 -8.93 -4.47
CA LEU A 153 -14.54 -8.07 -4.42
C LEU A 153 -13.56 -8.34 -5.55
N VAL A 154 -13.22 -9.61 -5.74
CA VAL A 154 -12.24 -9.98 -6.77
C VAL A 154 -12.73 -9.62 -8.18
N LYS A 155 -14.03 -9.81 -8.43
CA LYS A 155 -14.64 -9.47 -9.73
C LYS A 155 -14.54 -7.99 -9.98
N ASN A 156 -14.96 -7.20 -8.98
CA ASN A 156 -14.83 -5.71 -9.04
C ASN A 156 -13.42 -5.26 -9.32
N LEU A 157 -12.48 -5.77 -8.54
CA LEU A 157 -11.04 -5.47 -8.72
C LEU A 157 -10.54 -5.79 -10.11
N ARG A 158 -10.82 -7.00 -10.57
CA ARG A 158 -10.44 -7.37 -11.94
C ARG A 158 -11.14 -6.54 -13.01
N ASN A 159 -12.44 -6.32 -12.83
CA ASN A 159 -13.19 -5.43 -13.74
C ASN A 159 -12.49 -4.07 -13.88
N ILE A 160 -12.33 -3.39 -12.74
CA ILE A 160 -11.70 -2.04 -12.64
C ILE A 160 -10.28 -2.03 -13.15
N LEU A 161 -9.47 -3.02 -12.75
CA LEU A 161 -8.07 -3.09 -13.22
C LEU A 161 -7.95 -3.25 -14.72
N ALA A 162 -8.78 -4.16 -15.25
CA ALA A 162 -8.93 -4.34 -16.71
C ALA A 162 -9.18 -3.03 -17.50
N LYS A 163 -9.98 -2.12 -16.95
CA LYS A 163 -10.23 -0.80 -17.58
C LYS A 163 -9.21 0.34 -17.26
N VAL A 164 -8.16 0.07 -16.46
CA VAL A 164 -7.19 1.14 -16.10
C VAL A 164 -6.39 1.54 -17.34
N LYS A 165 -6.10 0.55 -18.19
CA LYS A 165 -5.79 0.84 -19.59
C LYS A 165 -6.31 -0.26 -20.51
N TYR B 28 -8.89 -18.18 -6.37
CA TYR B 28 -8.30 -17.05 -5.59
C TYR B 28 -8.13 -17.45 -4.15
N ASP B 29 -6.87 -17.56 -3.75
CA ASP B 29 -6.50 -17.48 -2.35
C ASP B 29 -6.45 -15.98 -1.93
N CYS B 30 -6.32 -15.75 -0.64
CA CYS B 30 -6.23 -14.41 -0.10
C CYS B 30 -4.97 -13.65 -0.51
N PHE B 31 -3.83 -14.36 -0.64
CA PHE B 31 -2.61 -13.80 -1.21
C PHE B 31 -2.90 -13.00 -2.45
N ARG B 32 -3.63 -13.58 -3.40
CA ARG B 32 -3.83 -12.91 -4.69
C ARG B 32 -4.77 -11.72 -4.59
N ILE B 33 -5.67 -11.72 -3.61
CA ILE B 33 -6.52 -10.53 -3.35
C ILE B 33 -5.68 -9.34 -2.92
N ALA B 34 -4.82 -9.57 -1.91
CA ALA B 34 -3.85 -8.59 -1.38
C ALA B 34 -3.05 -7.98 -2.48
N MET B 35 -2.52 -8.81 -3.37
CA MET B 35 -1.72 -8.34 -4.51
C MET B 35 -2.53 -7.54 -5.50
N LEU B 36 -3.80 -7.88 -5.69
CA LEU B 36 -4.71 -7.03 -6.53
C LEU B 36 -5.00 -5.66 -5.89
N LEU B 37 -5.35 -5.70 -4.59
CA LEU B 37 -5.53 -4.47 -3.81
C LEU B 37 -4.29 -3.55 -3.96
N LYS B 38 -3.09 -4.11 -3.75
CA LYS B 38 -1.84 -3.35 -3.92
C LYS B 38 -1.64 -2.81 -5.31
N GLU B 39 -1.90 -3.64 -6.33
CA GLU B 39 -1.76 -3.24 -7.72
C GLU B 39 -2.60 -1.99 -8.02
N LEU B 40 -3.85 -2.06 -7.67
CA LEU B 40 -4.78 -0.93 -7.87
C LEU B 40 -4.39 0.27 -7.03
N TYR B 41 -4.09 0.07 -5.75
CA TYR B 41 -3.54 1.21 -4.95
C TYR B 41 -2.29 1.89 -5.60
N SER B 42 -1.34 1.06 -5.99
CA SER B 42 -0.07 1.57 -6.47
C SER B 42 -0.16 2.37 -7.75
N LYS B 43 -1.11 2.01 -8.59
CA LYS B 43 -1.38 2.78 -9.85
C LYS B 43 -1.88 4.18 -9.53
N THR B 44 -2.79 4.27 -8.55
CA THR B 44 -3.39 5.55 -8.12
C THR B 44 -2.26 6.44 -7.65
N MET B 45 -1.44 5.88 -6.76
CA MET B 45 -0.35 6.64 -6.11
C MET B 45 0.78 7.08 -7.01
N TYR B 46 1.10 6.25 -7.98
CA TYR B 46 2.03 6.62 -9.04
C TYR B 46 1.58 7.86 -9.85
N THR B 47 0.29 7.96 -10.13
CA THR B 47 -0.29 9.08 -10.90
C THR B 47 -0.24 10.37 -10.08
N VAL B 48 -0.65 10.25 -8.83
CA VAL B 48 -0.52 11.36 -7.89
C VAL B 48 0.94 11.88 -7.81
N GLU B 49 1.93 10.99 -7.67
CA GLU B 49 3.36 11.37 -7.57
C GLU B 49 3.76 12.13 -8.82
N GLU B 50 3.31 11.66 -9.98
CA GLU B 50 3.64 12.25 -11.25
C GLU B 50 3.06 13.63 -11.37
N ASN B 51 1.76 13.77 -11.13
CA ASN B 51 1.13 15.10 -11.14
C ASN B 51 1.68 16.16 -10.20
N PHE B 52 2.42 15.78 -9.15
CA PHE B 52 2.93 16.76 -8.18
C PHE B 52 4.44 16.75 -7.99
N LYS B 53 5.15 16.08 -8.90
CA LYS B 53 6.60 15.95 -8.85
C LYS B 53 7.26 17.31 -9.07
N GLU B 54 6.69 18.11 -9.96
CA GLU B 54 7.12 19.52 -10.12
C GLU B 54 7.25 20.30 -8.78
N ASN B 55 6.35 20.03 -7.81
CA ASN B 55 6.30 20.77 -6.56
C ASN B 55 7.07 20.07 -5.47
N GLY B 56 7.77 19.00 -5.83
CA GLY B 56 8.51 18.19 -4.88
C GLY B 56 7.66 17.67 -3.72
N LEU B 57 6.37 17.39 -3.99
CA LEU B 57 5.45 16.82 -3.02
C LEU B 57 5.21 15.36 -3.38
N THR B 58 5.36 14.47 -2.39
CA THR B 58 5.07 13.10 -2.54
C THR B 58 3.56 12.88 -2.46
N HIS B 59 3.16 11.69 -2.81
CA HIS B 59 1.77 11.27 -2.75
C HIS B 59 1.26 11.17 -1.32
N GLN B 60 2.12 10.75 -0.38
CA GLN B 60 1.80 10.73 1.04
C GLN B 60 1.48 12.11 1.55
N GLN B 61 2.28 13.06 1.11
CA GLN B 61 2.04 14.46 1.42
C GLN B 61 0.77 14.99 0.84
N ILE B 62 0.49 14.65 -0.41
CA ILE B 62 -0.80 15.03 -1.04
C ILE B 62 -1.97 14.42 -0.25
N ILE B 63 -1.80 13.17 0.14
CA ILE B 63 -2.87 12.51 0.97
C ILE B 63 -3.05 13.34 2.22
N VAL B 64 -1.98 13.71 2.93
CA VAL B 64 -2.18 14.54 4.14
C VAL B 64 -2.87 15.86 3.85
N ILE B 65 -2.44 16.52 2.78
CA ILE B 65 -2.98 17.80 2.41
C ILE B 65 -4.50 17.68 2.11
N LYS B 66 -4.90 16.70 1.30
CA LYS B 66 -6.32 16.45 1.10
C LYS B 66 -7.09 16.26 2.39
N LEU B 67 -6.55 15.44 3.31
CA LEU B 67 -7.22 15.14 4.58
C LEU B 67 -7.35 16.36 5.47
N VAL B 68 -6.32 17.19 5.50
CA VAL B 68 -6.36 18.38 6.32
C VAL B 68 -7.32 19.38 5.66
N ALA B 69 -7.41 19.43 4.33
CA ALA B 69 -8.23 20.43 3.65
C ALA B 69 -9.73 20.13 3.96
N HIS B 70 -10.13 18.86 3.82
CA HIS B 70 -11.46 18.44 4.23
C HIS B 70 -11.76 18.62 5.70
N ASN B 71 -10.82 18.29 6.59
CA ASN B 71 -11.11 18.31 8.01
C ASN B 71 -10.78 19.56 8.81
N GLN B 72 -9.93 20.41 8.24
CA GLN B 72 -9.37 21.60 8.86
C GLN B 72 -8.38 21.38 9.95
N GLU B 73 -8.69 20.49 10.87
CA GLU B 73 -7.78 20.12 11.89
C GLU B 73 -7.82 18.61 12.09
N LEU B 74 -6.72 18.00 12.47
CA LEU B 74 -6.73 16.54 12.65
C LEU B 74 -5.70 16.25 13.68
N THR B 75 -5.91 15.20 14.46
CA THR B 75 -4.90 14.75 15.30
C THR B 75 -4.00 13.75 14.54
N ILE B 76 -2.81 13.56 15.08
CA ILE B 76 -1.86 12.57 14.60
C ILE B 76 -2.50 11.15 14.62
N SER B 77 -3.23 10.81 15.69
CA SER B 77 -3.99 9.55 15.71
C SER B 77 -5.00 9.44 14.63
N GLN B 78 -5.79 10.49 14.41
CA GLN B 78 -6.77 10.41 13.34
C GLN B 78 -6.10 10.18 12.01
N LEU B 79 -4.99 10.85 11.72
CA LEU B 79 -4.29 10.69 10.43
C LEU B 79 -3.74 9.25 10.19
N CYS B 80 -3.18 8.65 11.22
CA CYS B 80 -2.78 7.25 11.20
C CYS B 80 -3.90 6.31 10.80
N ASP B 81 -5.04 6.57 11.39
CA ASP B 81 -6.23 5.78 11.15
C ASP B 81 -6.76 5.96 9.77
N GLU B 82 -6.87 7.22 9.34
CA GLU B 82 -7.28 7.56 7.95
C GLU B 82 -6.33 7.03 6.86
N MET B 83 -5.03 7.08 7.11
CA MET B 83 -4.06 6.71 6.11
C MET B 83 -3.59 5.22 6.29
N SER B 84 -3.96 4.57 7.41
CA SER B 84 -3.55 3.21 7.74
C SER B 84 -2.02 3.12 7.83
N LEU B 85 -1.42 3.98 8.64
CA LEU B 85 0.02 4.04 8.86
C LEU B 85 0.35 4.06 10.33
N ALA B 86 1.55 3.62 10.64
CA ALA B 86 2.08 3.71 11.99
C ALA B 86 2.38 5.21 12.33
N LYS B 87 2.35 5.53 13.61
CA LYS B 87 2.51 6.85 14.11
C LYS B 87 3.82 7.49 13.69
N GLY B 88 4.90 6.77 13.83
CA GLY B 88 6.21 7.26 13.45
C GLY B 88 6.27 7.56 11.97
N THR B 89 5.54 6.82 11.16
CA THR B 89 5.49 7.19 9.74
C THR B 89 4.81 8.51 9.52
N VAL B 90 3.72 8.71 10.24
CA VAL B 90 2.92 9.92 10.07
C VAL B 90 3.71 11.12 10.60
N SER B 91 4.45 10.92 11.70
CA SER B 91 5.27 11.96 12.26
C SER B 91 6.36 12.44 11.29
N GLY B 92 6.92 11.49 10.53
CA GLY B 92 7.86 11.76 9.44
C GLY B 92 7.28 12.61 8.33
N ILE B 93 6.12 12.21 7.79
CA ILE B 93 5.46 12.99 6.75
C ILE B 93 5.08 14.41 7.26
N ILE B 94 4.51 14.49 8.44
CA ILE B 94 4.16 15.78 8.99
C ILE B 94 5.43 16.62 9.15
N SER B 95 6.55 16.07 9.60
CA SER B 95 7.73 16.88 9.83
C SER B 95 8.22 17.55 8.54
N ARG B 96 8.11 16.86 7.43
CA ARG B 96 8.50 17.44 6.16
C ARG B 96 7.51 18.53 5.70
N LEU B 97 6.23 18.35 5.92
CA LEU B 97 5.25 19.39 5.59
C LEU B 97 5.50 20.60 6.47
N GLU B 98 5.86 20.42 7.74
CA GLU B 98 6.32 21.50 8.55
C GLU B 98 7.59 22.19 7.97
N GLN B 99 8.54 21.42 7.49
CA GLN B 99 9.78 21.98 6.95
C GLN B 99 9.54 22.78 5.70
N ILE B 100 8.67 22.29 4.84
CA ILE B 100 8.27 23.08 3.68
C ILE B 100 7.27 24.27 3.93
N GLY B 101 6.82 24.43 5.18
CA GLY B 101 5.97 25.50 5.66
C GLY B 101 4.47 25.34 5.42
N TYR B 102 3.99 24.17 4.99
CA TYR B 102 2.56 23.97 4.69
C TYR B 102 1.70 23.58 5.91
N ILE B 103 2.30 23.02 6.96
CA ILE B 103 1.54 22.48 8.08
C ILE B 103 2.11 23.00 9.34
N GLU B 104 1.21 23.29 10.27
CA GLU B 104 1.56 23.55 11.65
C GLU B 104 1.02 22.45 12.56
N LYS B 105 1.90 21.96 13.40
CA LYS B 105 1.59 20.95 14.37
C LYS B 105 1.48 21.63 15.74
N PHE B 106 0.43 21.39 16.52
CA PHE B 106 0.26 22.10 17.82
C PHE B 106 -0.54 21.30 18.88
N LYS B 107 -0.46 21.73 20.16
CA LYS B 107 -1.39 21.25 21.20
C LYS B 107 -2.53 22.25 21.50
N LYS B 108 -3.67 21.74 21.97
CA LYS B 108 -4.69 22.59 22.55
C LYS B 108 -4.47 22.49 24.04
N SER B 109 -4.51 23.61 24.74
CA SER B 109 -4.28 23.64 26.22
C SER B 109 -5.20 22.65 26.98
N ASN B 110 -6.42 22.54 26.47
CA ASN B 110 -7.49 21.68 27.03
C ASN B 110 -7.32 20.17 26.82
N ASP B 111 -6.43 19.81 25.88
CA ASP B 111 -6.27 18.42 25.41
C ASP B 111 -4.87 17.94 25.79
N LYS B 112 -4.81 17.02 26.75
CA LYS B 112 -3.53 16.48 27.24
C LYS B 112 -3.03 15.31 26.39
N ARG B 113 -3.97 14.70 25.67
CA ARG B 113 -3.76 13.44 24.95
CA ARG B 113 -3.74 13.44 24.95
C ARG B 113 -3.19 13.63 23.52
N ASN B 114 -3.84 14.48 22.72
CA ASN B 114 -3.62 14.60 21.31
C ASN B 114 -2.62 15.65 20.84
N THR B 115 -2.11 15.47 19.63
CA THR B 115 -1.33 16.48 18.86
C THR B 115 -2.06 16.74 17.58
N TYR B 116 -2.26 18.02 17.23
CA TYR B 116 -3.06 18.42 16.09
C TYR B 116 -2.20 18.97 14.97
N VAL B 117 -2.74 18.93 13.78
CA VAL B 117 -2.12 19.55 12.66
C VAL B 117 -3.18 20.34 11.96
N LYS B 118 -2.74 21.40 11.29
CA LYS B 118 -3.57 22.23 10.47
C LYS B 118 -2.66 22.99 9.45
N PHE B 119 -3.26 23.61 8.45
CA PHE B 119 -2.50 24.38 7.49
C PHE B 119 -1.87 25.64 8.09
N THR B 120 -0.74 26.01 7.49
CA THR B 120 -0.24 27.36 7.62
C THR B 120 -0.97 28.17 6.49
N THR B 121 -0.73 29.47 6.43
CA THR B 121 -1.30 30.30 5.37
C THR B 121 -0.90 29.80 3.98
N THR B 122 0.36 29.46 3.87
CA THR B 122 0.91 28.87 2.61
C THR B 122 0.30 27.53 2.27
N GLY B 123 0.12 26.69 3.27
CA GLY B 123 -0.54 25.41 3.02
C GLY B 123 -1.98 25.53 2.53
N PHE B 124 -2.75 26.35 3.26
CA PHE B 124 -4.15 26.64 2.89
C PHE B 124 -4.23 27.16 1.44
N GLU B 125 -3.33 28.08 1.10
CA GLU B 125 -3.24 28.63 -0.29
C GLU B 125 -2.93 27.57 -1.32
N PHE B 126 -1.93 26.71 -1.06
CA PHE B 126 -1.68 25.57 -1.95
C PHE B 126 -2.95 24.63 -2.04
N ALA B 127 -3.62 24.41 -0.93
CA ALA B 127 -4.73 23.45 -0.90
C ALA B 127 -5.84 24.03 -1.80
N THR B 128 -6.14 25.31 -1.61
CA THR B 128 -7.10 26.01 -2.46
C THR B 128 -6.75 25.96 -3.94
N ASN B 129 -5.62 26.47 -4.33
CA ASN B 129 -5.23 26.47 -5.74
C ASN B 129 -5.02 25.12 -6.40
N PHE B 130 -4.87 24.06 -5.62
CA PHE B 130 -4.73 22.77 -6.21
C PHE B 130 -5.83 21.77 -5.80
N LYS B 131 -6.91 22.24 -5.17
CA LYS B 131 -8.01 21.34 -4.73
C LYS B 131 -8.45 20.49 -5.91
N ILE B 132 -8.73 21.16 -7.00
CA ILE B 132 -9.16 20.54 -8.23
C ILE B 132 -8.10 19.59 -8.75
N LYS B 133 -6.85 20.03 -8.84
CA LYS B 133 -5.76 19.14 -9.35
C LYS B 133 -5.49 17.92 -8.44
N MET B 134 -5.74 18.07 -7.15
CA MET B 134 -5.63 16.94 -6.25
C MET B 134 -6.75 15.93 -6.54
N GLN B 135 -8.03 16.37 -6.56
CA GLN B 135 -9.17 15.44 -6.82
C GLN B 135 -9.04 14.70 -8.15
N GLU B 136 -8.58 15.41 -9.17
CA GLU B 136 -8.32 14.79 -10.47
C GLU B 136 -7.08 13.87 -10.58
N SER B 137 -6.14 13.98 -9.64
CA SER B 137 -4.99 13.07 -9.64
C SER B 137 -5.41 11.68 -9.17
N PHE B 138 -6.32 11.65 -8.20
CA PHE B 138 -6.96 10.39 -7.78
C PHE B 138 -8.01 9.87 -8.75
N ASP B 139 -8.82 10.78 -9.31
CA ASP B 139 -9.96 10.41 -10.14
C ASP B 139 -9.45 9.84 -11.47
N ASP B 140 -8.35 10.42 -11.95
CA ASP B 140 -7.78 10.13 -13.27
C ASP B 140 -7.85 8.66 -13.71
N ILE B 141 -7.15 7.74 -13.04
CA ILE B 141 -7.04 6.39 -13.60
C ILE B 141 -8.36 5.63 -13.60
N PHE B 142 -9.38 6.16 -12.91
CA PHE B 142 -10.71 5.56 -12.90
C PHE B 142 -11.64 6.18 -13.95
N LYS B 143 -11.10 6.85 -14.96
CA LYS B 143 -11.96 7.54 -15.93
C LYS B 143 -12.82 6.61 -16.76
N ASN B 144 -12.23 5.55 -17.31
CA ASN B 144 -13.00 4.58 -18.07
C ASN B 144 -13.76 3.65 -17.17
N CYS B 145 -14.37 4.21 -16.14
CA CYS B 145 -15.15 3.40 -15.23
C CYS B 145 -16.51 4.01 -14.92
N ASP B 146 -17.56 3.22 -15.04
CA ASP B 146 -18.90 3.67 -14.71
C ASP B 146 -19.04 3.91 -13.23
N GLU B 147 -19.76 4.95 -12.87
CA GLU B 147 -19.97 5.26 -11.47
C GLU B 147 -20.47 4.05 -10.74
N ASN B 148 -21.17 3.18 -11.45
CA ASN B 148 -21.60 1.93 -10.81
C ASN B 148 -20.50 0.91 -10.59
N GLU B 149 -19.51 0.79 -11.47
CA GLU B 149 -18.36 -0.09 -11.18
C GLU B 149 -17.63 0.38 -9.90
N LEU B 150 -17.40 1.69 -9.79
CA LEU B 150 -16.70 2.30 -8.64
C LEU B 150 -17.53 2.15 -7.39
N SER B 151 -18.83 2.25 -7.57
CA SER B 151 -19.72 2.30 -6.45
C SER B 151 -19.77 0.95 -5.73
N ASP B 152 -19.76 -0.14 -6.49
CA ASP B 152 -19.89 -1.48 -5.85
C ASP B 152 -18.56 -1.89 -5.17
N LEU B 153 -17.44 -1.63 -5.87
CA LEU B 153 -16.06 -1.68 -5.25
C LEU B 153 -16.14 -1.19 -3.81
N VAL B 154 -16.57 0.07 -3.70
CA VAL B 154 -16.63 0.74 -2.42
C VAL B 154 -17.53 0.01 -1.44
N LYS B 155 -18.68 -0.51 -1.89
CA LYS B 155 -19.56 -1.21 -0.94
C LYS B 155 -18.90 -2.53 -0.55
N ASN B 156 -18.32 -3.22 -1.53
CA ASN B 156 -17.55 -4.47 -1.28
C ASN B 156 -16.36 -4.32 -0.34
N LEU B 157 -15.51 -3.32 -0.56
CA LEU B 157 -14.43 -3.00 0.39
C LEU B 157 -14.95 -2.72 1.76
N ARG B 158 -15.96 -1.84 1.86
CA ARG B 158 -16.51 -1.51 3.19
C ARG B 158 -17.13 -2.69 3.89
N ASN B 159 -17.88 -3.51 3.13
CA ASN B 159 -18.45 -4.72 3.69
C ASN B 159 -17.36 -5.68 4.11
N ILE B 160 -16.37 -5.93 3.25
CA ILE B 160 -15.23 -6.78 3.73
C ILE B 160 -14.52 -6.20 4.95
N LEU B 161 -14.19 -4.92 4.92
CA LEU B 161 -13.58 -4.27 6.09
C LEU B 161 -14.41 -4.40 7.34
N ALA B 162 -15.75 -4.29 7.20
CA ALA B 162 -16.68 -4.47 8.34
C ALA B 162 -16.58 -5.87 8.92
N LYS B 163 -16.61 -6.87 8.05
CA LYS B 163 -16.41 -8.26 8.48
C LYS B 163 -15.02 -8.53 9.09
N VAL B 164 -13.97 -7.89 8.58
CA VAL B 164 -12.61 -8.06 9.16
C VAL B 164 -12.53 -7.72 10.66
N LYS B 165 -13.09 -6.59 11.05
CA LYS B 165 -13.47 -6.23 12.46
C LYS B 165 -13.54 -4.73 12.58
#